data_6TKS
#
_entry.id   6TKS
#
_cell.length_a   41.600
_cell.length_b   76.420
_cell.length_c   148.190
_cell.angle_alpha   90.000
_cell.angle_beta   90.000
_cell.angle_gamma   90.000
#
_symmetry.space_group_name_H-M   'P 21 21 21'
#
loop_
_entity.id
_entity.type
_entity.pdbx_description
1 polymer Tankyrase-2
2 non-polymer ~{N}-[3-[5-(5-ethoxypyridin-2-yl)-4-(2-fluorophenyl)-1,2,4-triazol-3-yl]cyclobutyl]-1,6-naphthyridine-2-carboxamide
3 non-polymer 'ZINC ION'
4 water water
#
_entity_poly.entity_id   1
_entity_poly.type   'polypeptide(L)'
_entity_poly.pdbx_seq_one_letter_code
;MHHHHHHSSGVDLGTENLYFQSMLNTSGSGTILIDLSPDDKEFQSVEEEMQSTVREHRDGGHAGGIFNRYNILKIQKVCN
KKLWERYTHRRKEVSEENHNHANERMLFHGSPFVNAIIHKGFDERHAYIGGMFGAGIYFAENSSKSNQYVYGIGGGTGCP
VHKDRSCYICHRQLLFCRVTLGKSFLQFSAMKMAHSPPGHHSVTGRPSVNGLALAEYVIYRGEQAYPEYLITYQIMRPEG
;
_entity_poly.pdbx_strand_id   AAA,BBB
#
# COMPACT_ATOMS: atom_id res chain seq x y z
N SER A 29 -11.14 34.26 -5.80
CA SER A 29 -10.80 32.86 -6.23
C SER A 29 -9.75 32.89 -7.36
N GLY A 30 -8.73 32.04 -7.25
CA GLY A 30 -7.64 31.92 -8.24
C GLY A 30 -7.83 30.74 -9.17
N THR A 31 -9.02 30.13 -9.18
CA THR A 31 -9.32 28.89 -9.96
C THR A 31 -9.70 29.27 -11.39
N ILE A 32 -9.06 28.61 -12.36
CA ILE A 32 -9.34 28.71 -13.82
C ILE A 32 -9.77 27.33 -14.32
N LEU A 33 -10.85 27.26 -15.11
CA LEU A 33 -11.36 26.01 -15.73
C LEU A 33 -11.00 26.00 -17.21
N ILE A 34 -10.23 25.01 -17.65
CA ILE A 34 -9.85 24.81 -19.07
C ILE A 34 -10.78 23.73 -19.64
N ASP A 35 -11.80 24.16 -20.38
CA ASP A 35 -12.70 23.25 -21.15
C ASP A 35 -11.82 22.44 -22.10
N LEU A 36 -11.94 21.11 -22.09
CA LEU A 36 -11.17 20.19 -22.97
C LEU A 36 -12.07 19.78 -24.15
N SER A 37 -11.49 19.72 -25.35
CA SER A 37 -12.17 19.25 -26.58
C SER A 37 -12.38 17.73 -26.49
N PRO A 38 -13.56 17.20 -26.88
CA PRO A 38 -13.78 15.75 -26.90
C PRO A 38 -12.80 14.93 -27.75
N ASP A 39 -12.08 15.58 -28.68
CA ASP A 39 -11.10 14.90 -29.57
C ASP A 39 -9.71 14.91 -28.92
N ASP A 40 -9.53 15.71 -27.87
CA ASP A 40 -8.30 15.78 -27.03
C ASP A 40 -8.08 14.42 -26.36
N LYS A 41 -6.87 13.87 -26.42
CA LYS A 41 -6.48 12.57 -25.81
C LYS A 41 -6.64 12.65 -24.28
N GLU A 42 -6.48 13.85 -23.70
CA GLU A 42 -6.62 14.08 -22.24
C GLU A 42 -8.08 13.86 -21.82
N PHE A 43 -9.02 14.42 -22.58
CA PHE A 43 -10.49 14.24 -22.44
C PHE A 43 -10.83 12.75 -22.54
N GLN A 44 -10.35 12.09 -23.59
CA GLN A 44 -10.66 10.68 -23.94
C GLN A 44 -10.21 9.75 -22.80
N SER A 45 -9.05 10.01 -22.20
CA SER A 45 -8.47 9.23 -21.08
C SER A 45 -9.41 9.30 -19.87
N VAL A 46 -9.80 10.53 -19.49
CA VAL A 46 -10.74 10.78 -18.35
C VAL A 46 -12.12 10.21 -18.71
N GLU A 47 -12.58 10.40 -19.96
CA GLU A 47 -13.84 9.84 -20.50
C GLU A 47 -13.83 8.32 -20.35
N GLU A 48 -12.78 7.65 -20.86
CA GLU A 48 -12.65 6.17 -20.86
C GLU A 48 -12.64 5.66 -19.42
N GLU A 49 -11.88 6.32 -18.54
CA GLU A 49 -11.70 5.92 -17.11
C GLU A 49 -13.04 6.02 -16.37
N MET A 50 -13.85 7.02 -16.71
CA MET A 50 -15.20 7.23 -16.13
C MET A 50 -16.12 6.08 -16.56
N GLN A 51 -16.21 5.82 -17.87
CA GLN A 51 -17.12 4.80 -18.47
C GLN A 51 -16.70 3.40 -18.00
N SER A 52 -15.41 3.07 -18.12
CA SER A 52 -14.84 1.71 -17.95
C SER A 52 -14.92 1.26 -16.49
N THR A 53 -14.92 2.18 -15.52
CA THR A 53 -14.89 1.84 -14.07
C THR A 53 -16.31 1.74 -13.50
N VAL A 54 -17.35 1.75 -14.34
CA VAL A 54 -18.76 1.56 -13.89
C VAL A 54 -18.95 0.08 -13.53
N ARG A 55 -19.58 -0.18 -12.37
CA ARG A 55 -19.84 -1.55 -11.85
C ARG A 55 -21.31 -1.66 -11.43
N GLU A 56 -21.85 -2.89 -11.44
CA GLU A 56 -23.18 -3.23 -10.87
C GLU A 56 -23.05 -3.21 -9.35
N HIS A 57 -23.80 -2.34 -8.67
CA HIS A 57 -23.77 -2.13 -7.20
C HIS A 57 -24.74 -3.08 -6.49
N ARG A 58 -24.46 -3.43 -5.23
CA ARG A 58 -25.29 -4.35 -4.40
C ARG A 58 -26.63 -3.68 -4.06
N ASP A 59 -26.69 -2.34 -4.03
CA ASP A 59 -27.90 -1.56 -3.63
C ASP A 59 -28.89 -1.46 -4.80
N GLY A 60 -28.54 -2.03 -5.97
CA GLY A 60 -29.41 -2.07 -7.17
C GLY A 60 -29.71 -0.68 -7.73
N GLY A 61 -28.80 0.28 -7.55
CA GLY A 61 -28.94 1.66 -8.06
C GLY A 61 -29.86 2.50 -7.20
N HIS A 62 -30.15 2.08 -5.97
CA HIS A 62 -30.98 2.84 -5.00
C HIS A 62 -30.36 4.23 -4.77
N ALA A 63 -29.05 4.28 -4.51
CA ALA A 63 -28.29 5.49 -4.15
C ALA A 63 -28.01 6.34 -5.39
N GLY A 64 -27.42 5.76 -6.43
CA GLY A 64 -26.85 6.49 -7.59
C GLY A 64 -27.70 6.41 -8.85
N GLY A 65 -28.73 5.54 -8.86
CA GLY A 65 -29.61 5.32 -10.04
C GLY A 65 -29.23 4.08 -10.82
N ILE A 66 -30.03 3.74 -11.84
CA ILE A 66 -29.85 2.55 -12.73
C ILE A 66 -29.27 3.04 -14.07
N PHE A 67 -28.12 2.49 -14.46
CA PHE A 67 -27.35 2.88 -15.66
C PHE A 67 -26.18 1.91 -15.79
N ASN A 68 -25.62 1.77 -16.99
CA ASN A 68 -24.35 1.05 -17.22
C ASN A 68 -23.37 1.95 -18.00
N ARG A 69 -23.83 3.13 -18.46
CA ARG A 69 -23.01 4.17 -19.12
C ARG A 69 -23.39 5.55 -18.60
N TYR A 70 -22.59 6.56 -18.93
CA TYR A 70 -22.87 8.01 -18.71
C TYR A 70 -23.00 8.72 -20.06
N ASN A 71 -23.64 9.89 -20.03
CA ASN A 71 -23.55 10.95 -21.06
C ASN A 71 -22.54 11.98 -20.55
N ILE A 72 -21.33 11.99 -21.10
CA ILE A 72 -20.21 12.89 -20.70
C ILE A 72 -20.38 14.22 -21.43
N LEU A 73 -20.84 15.25 -20.72
CA LEU A 73 -21.19 16.57 -21.32
C LEU A 73 -19.96 17.48 -21.37
N LYS A 74 -19.13 17.48 -20.34
CA LYS A 74 -18.02 18.45 -20.22
C LYS A 74 -16.97 17.89 -19.26
N ILE A 75 -15.70 18.03 -19.63
CA ILE A 75 -14.52 17.75 -18.76
C ILE A 75 -13.62 18.99 -18.80
N GLN A 76 -13.37 19.57 -17.62
CA GLN A 76 -12.59 20.81 -17.45
C GLN A 76 -11.42 20.52 -16.50
N LYS A 77 -10.20 20.84 -16.93
CA LYS A 77 -8.98 20.94 -16.08
C LYS A 77 -9.18 22.05 -15.05
N VAL A 78 -8.95 21.76 -13.78
CA VAL A 78 -9.04 22.75 -12.66
C VAL A 78 -7.62 23.27 -12.43
N CYS A 79 -7.37 24.55 -12.71
CA CYS A 79 -6.04 25.20 -12.53
CA CYS A 79 -6.04 25.20 -12.53
C CYS A 79 -6.14 26.24 -11.40
N ASN A 80 -5.34 26.05 -10.34
CA ASN A 80 -5.27 26.96 -9.17
C ASN A 80 -3.88 26.79 -8.54
N LYS A 81 -3.00 27.78 -8.72
CA LYS A 81 -1.57 27.73 -8.28
C LYS A 81 -1.54 27.46 -6.76
N LYS A 82 -2.30 28.23 -6.00
CA LYS A 82 -2.36 28.15 -4.52
C LYS A 82 -2.66 26.71 -4.10
N LEU A 83 -3.72 26.11 -4.67
CA LEU A 83 -4.18 24.74 -4.33
C LEU A 83 -3.12 23.71 -4.76
N TRP A 84 -2.48 23.90 -5.91
CA TRP A 84 -1.44 22.98 -6.42
C TRP A 84 -0.24 22.97 -5.46
N GLU A 85 0.19 24.15 -5.00
CA GLU A 85 1.32 24.33 -4.04
C GLU A 85 0.99 23.60 -2.72
N ARG A 86 -0.23 23.79 -2.22
CA ARG A 86 -0.74 23.10 -0.99
C ARG A 86 -0.57 21.59 -1.16
N TYR A 87 -1.01 21.04 -2.29
CA TYR A 87 -0.95 19.58 -2.60
C TYR A 87 0.52 19.12 -2.67
N THR A 88 1.32 19.70 -3.58
CA THR A 88 2.71 19.24 -3.85
C THR A 88 3.55 19.30 -2.57
N HIS A 89 3.33 20.34 -1.74
CA HIS A 89 4.03 20.54 -0.45
C HIS A 89 3.72 19.37 0.49
N ARG A 90 2.45 19.02 0.64
CA ARG A 90 1.99 17.87 1.46
C ARG A 90 2.50 16.57 0.84
N ARG A 91 2.47 16.46 -0.50
CA ARG A 91 2.89 15.22 -1.22
C ARG A 91 4.35 14.91 -0.89
N LYS A 92 5.21 15.93 -0.88
CA LYS A 92 6.65 15.81 -0.55
C LYS A 92 6.81 15.28 0.89
N GLU A 93 6.09 15.89 1.85
CA GLU A 93 6.22 15.59 3.30
C GLU A 93 5.65 14.20 3.60
N VAL A 94 4.63 13.77 2.87
CA VAL A 94 4.07 12.38 2.97
C VAL A 94 5.10 11.41 2.38
N SER A 95 5.77 11.81 1.30
CA SER A 95 6.78 11.00 0.57
C SER A 95 7.94 10.64 1.50
N GLU A 96 8.47 11.63 2.25
CA GLU A 96 9.63 11.48 3.17
C GLU A 96 9.23 10.63 4.39
N GLU A 97 7.93 10.60 4.72
CA GLU A 97 7.37 9.77 5.81
C GLU A 97 7.12 8.32 5.35
N ASN A 98 7.18 8.05 4.03
CA ASN A 98 6.73 6.77 3.44
C ASN A 98 7.76 6.27 2.43
N HIS A 99 9.04 6.25 2.82
CA HIS A 99 10.16 5.62 2.07
C HIS A 99 10.26 6.27 0.68
N ASN A 100 10.13 7.61 0.64
CA ASN A 100 10.30 8.48 -0.56
C ASN A 100 9.34 8.02 -1.68
N HIS A 101 8.14 7.53 -1.32
CA HIS A 101 7.04 7.34 -2.29
C HIS A 101 5.72 7.88 -1.73
N ALA A 102 5.06 8.73 -2.52
CA ALA A 102 3.84 9.49 -2.16
C ALA A 102 2.62 8.55 -2.15
N ASN A 103 2.69 7.45 -2.92
CA ASN A 103 1.55 6.52 -3.18
C ASN A 103 0.41 7.36 -3.77
N GLU A 104 0.71 8.08 -4.85
CA GLU A 104 -0.26 8.98 -5.54
C GLU A 104 -1.14 8.16 -6.47
N ARG A 105 -2.45 8.39 -6.40
CA ARG A 105 -3.47 7.73 -7.24
C ARG A 105 -4.36 8.78 -7.89
N MET A 106 -4.90 8.49 -9.08
CA MET A 106 -6.05 9.21 -9.69
C MET A 106 -7.34 8.53 -9.23
N LEU A 107 -8.16 9.21 -8.41
CA LEU A 107 -9.43 8.65 -7.88
C LEU A 107 -10.58 9.64 -8.12
N PHE A 108 -11.79 9.11 -8.23
CA PHE A 108 -13.05 9.90 -8.36
C PHE A 108 -13.50 10.36 -6.97
N HIS A 109 -14.14 11.52 -6.92
CA HIS A 109 -14.79 12.07 -5.71
C HIS A 109 -16.21 12.55 -6.06
N GLY A 110 -17.21 12.07 -5.32
CA GLY A 110 -18.58 12.60 -5.33
C GLY A 110 -18.95 13.17 -3.98
N SER A 111 -19.65 14.30 -3.99
CA SER A 111 -20.17 15.02 -2.79
C SER A 111 -21.01 16.21 -3.26
N PRO A 112 -21.99 16.69 -2.46
CA PRO A 112 -22.73 17.91 -2.80
C PRO A 112 -21.91 19.20 -2.80
N PHE A 113 -20.57 19.13 -2.65
CA PHE A 113 -19.69 20.29 -2.38
C PHE A 113 -18.71 20.54 -3.53
N VAL A 114 -18.85 19.83 -4.65
CA VAL A 114 -17.92 19.95 -5.81
C VAL A 114 -17.67 21.43 -6.13
N ASN A 115 -18.73 22.24 -6.19
CA ASN A 115 -18.65 23.68 -6.57
C ASN A 115 -17.73 24.43 -5.58
N ALA A 116 -17.77 24.07 -4.31
CA ALA A 116 -16.92 24.68 -3.26
C ALA A 116 -15.46 24.22 -3.43
N ILE A 117 -15.25 22.92 -3.62
CA ILE A 117 -13.90 22.25 -3.63
C ILE A 117 -13.03 22.84 -4.74
N ILE A 118 -13.62 23.17 -5.90
CA ILE A 118 -12.85 23.67 -7.09
C ILE A 118 -12.38 25.10 -6.84
N HIS A 119 -12.95 25.81 -5.86
CA HIS A 119 -12.58 27.20 -5.50
C HIS A 119 -11.73 27.22 -4.22
N LYS A 120 -12.10 26.43 -3.22
CA LYS A 120 -11.54 26.50 -1.83
C LYS A 120 -10.56 25.34 -1.57
N GLY A 121 -10.53 24.32 -2.43
CA GLY A 121 -9.84 23.05 -2.16
C GLY A 121 -10.63 22.19 -1.20
N PHE A 122 -10.26 20.91 -1.07
CA PHE A 122 -10.86 19.97 -0.09
C PHE A 122 -10.65 20.52 1.32
N ASP A 123 -11.63 20.29 2.20
CA ASP A 123 -11.63 20.79 3.60
C ASP A 123 -12.23 19.70 4.50
N GLU A 124 -11.37 19.06 5.30
CA GLU A 124 -11.72 17.94 6.21
C GLU A 124 -12.71 18.43 7.28
N ARG A 125 -12.70 19.73 7.58
CA ARG A 125 -13.56 20.36 8.63
C ARG A 125 -15.05 20.18 8.29
N HIS A 126 -15.38 19.85 7.04
CA HIS A 126 -16.77 19.64 6.55
C HIS A 126 -17.06 18.14 6.36
N ALA A 127 -16.17 17.25 6.83
CA ALA A 127 -16.34 15.79 6.76
C ALA A 127 -17.54 15.37 7.61
N TYR A 128 -18.25 14.31 7.22
CA TYR A 128 -19.41 13.73 7.96
C TYR A 128 -18.88 13.00 9.19
N ILE A 129 -19.10 13.58 10.37
CA ILE A 129 -18.51 13.18 11.68
C ILE A 129 -18.75 11.68 11.92
N GLY A 130 -19.94 11.17 11.56
CA GLY A 130 -20.29 9.74 11.60
C GLY A 130 -20.21 9.12 10.22
N GLY A 131 -19.26 8.20 10.01
CA GLY A 131 -19.10 7.46 8.75
C GLY A 131 -18.39 6.14 9.00
N MET A 132 -18.36 5.26 8.01
CA MET A 132 -17.74 3.91 8.11
C MET A 132 -16.30 4.05 8.60
N PHE A 133 -15.58 5.08 8.14
CA PHE A 133 -14.14 5.31 8.42
C PHE A 133 -13.91 6.71 9.00
N GLY A 134 -14.92 7.24 9.70
CA GLY A 134 -14.83 8.48 10.48
C GLY A 134 -14.82 9.73 9.61
N ALA A 135 -14.53 10.88 10.23
CA ALA A 135 -14.58 12.22 9.61
C ALA A 135 -13.39 12.38 8.66
N GLY A 136 -13.50 11.80 7.46
CA GLY A 136 -12.51 11.93 6.38
C GLY A 136 -13.20 12.24 5.05
N ILE A 137 -12.40 12.51 4.01
CA ILE A 137 -12.88 12.79 2.63
C ILE A 137 -12.72 11.53 1.79
N TYR A 138 -13.82 11.04 1.21
CA TYR A 138 -13.91 9.70 0.57
C TYR A 138 -13.72 9.82 -0.95
N PHE A 139 -12.91 8.92 -1.51
CA PHE A 139 -12.67 8.75 -2.96
C PHE A 139 -12.91 7.29 -3.33
N ALA A 140 -13.10 7.02 -4.62
CA ALA A 140 -13.29 5.66 -5.18
C ALA A 140 -12.48 5.53 -6.47
N GLU A 141 -12.11 4.30 -6.82
CA GLU A 141 -11.50 3.95 -8.13
C GLU A 141 -12.61 3.66 -9.15
N ASN A 142 -13.85 3.48 -8.67
CA ASN A 142 -15.06 3.24 -9.51
C ASN A 142 -15.91 4.51 -9.53
N SER A 143 -15.99 5.17 -10.69
CA SER A 143 -16.87 6.35 -10.96
C SER A 143 -18.28 6.13 -10.41
N SER A 144 -18.85 4.94 -10.62
CA SER A 144 -20.24 4.60 -10.22
C SER A 144 -20.38 4.60 -8.70
N LYS A 145 -19.30 4.38 -7.95
CA LYS A 145 -19.28 4.44 -6.46
C LYS A 145 -19.41 5.91 -6.02
N SER A 146 -18.52 6.78 -6.52
CA SER A 146 -18.53 8.24 -6.25
C SER A 146 -19.89 8.83 -6.62
N ASN A 147 -20.50 8.34 -7.71
CA ASN A 147 -21.85 8.76 -8.19
C ASN A 147 -22.89 8.67 -7.06
N GLN A 148 -22.73 7.71 -6.14
CA GLN A 148 -23.73 7.43 -5.07
C GLN A 148 -23.78 8.60 -4.07
N TYR A 149 -22.75 9.45 -4.02
CA TYR A 149 -22.57 10.50 -2.99
C TYR A 149 -22.84 11.90 -3.55
N VAL A 150 -23.05 12.03 -4.85
CA VAL A 150 -23.23 13.34 -5.55
C VAL A 150 -24.35 14.14 -4.87
N TYR A 151 -25.47 13.49 -4.55
CA TYR A 151 -26.69 14.14 -3.99
C TYR A 151 -26.80 13.88 -2.48
N GLY A 152 -25.69 13.50 -1.84
CA GLY A 152 -25.59 13.25 -0.39
C GLY A 152 -25.20 11.80 -0.09
N ILE A 153 -25.16 11.44 1.20
CA ILE A 153 -24.90 10.05 1.68
C ILE A 153 -26.05 9.18 1.18
N GLY A 154 -25.75 8.06 0.52
CA GLY A 154 -26.73 7.17 -0.12
C GLY A 154 -27.66 7.95 -1.04
N GLY A 155 -27.09 8.87 -1.84
CA GLY A 155 -27.80 9.67 -2.84
C GLY A 155 -28.71 10.72 -2.22
N GLY A 156 -28.65 10.88 -0.89
CA GLY A 156 -29.56 11.74 -0.11
C GLY A 156 -30.98 11.74 -0.66
N THR A 157 -31.44 12.92 -1.08
CA THR A 157 -32.85 13.21 -1.46
C THR A 157 -33.00 13.10 -2.99
N GLY A 158 -31.94 12.71 -3.71
CA GLY A 158 -31.88 12.73 -5.18
C GLY A 158 -31.62 14.12 -5.72
N CYS A 159 -31.89 14.33 -7.01
CA CYS A 159 -31.71 15.64 -7.69
C CYS A 159 -32.63 16.68 -7.04
N PRO A 160 -32.22 17.96 -6.96
CA PRO A 160 -33.03 18.99 -6.31
C PRO A 160 -34.36 19.27 -7.06
N VAL A 161 -34.38 19.12 -8.38
CA VAL A 161 -35.58 19.44 -9.22
C VAL A 161 -36.66 18.37 -9.04
N HIS A 162 -36.33 17.09 -9.23
CA HIS A 162 -37.30 15.96 -9.33
C HIS A 162 -37.31 15.09 -8.06
N LYS A 163 -36.36 15.27 -7.13
CA LYS A 163 -36.20 14.43 -5.91
C LYS A 163 -36.02 12.97 -6.34
N ASP A 164 -35.22 12.71 -7.37
CA ASP A 164 -35.02 11.37 -8.00
C ASP A 164 -33.53 11.03 -8.00
N ARG A 165 -33.14 10.02 -7.22
CA ARG A 165 -31.73 9.52 -7.14
C ARG A 165 -31.31 8.90 -8.47
N SER A 166 -32.27 8.57 -9.33
CA SER A 166 -32.05 7.91 -10.65
C SER A 166 -32.43 8.86 -11.80
N CYS A 167 -32.49 10.17 -11.53
CA CYS A 167 -32.80 11.21 -12.55
C CYS A 167 -31.84 11.08 -13.73
N TYR A 168 -32.38 11.05 -14.95
CA TYR A 168 -31.63 10.98 -16.24
C TYR A 168 -31.55 12.37 -16.86
N ILE A 169 -32.27 13.33 -16.27
CA ILE A 169 -32.45 14.72 -16.81
C ILE A 169 -31.36 15.59 -16.20
N CYS A 170 -31.29 15.66 -14.87
CA CYS A 170 -30.40 16.60 -14.13
C CYS A 170 -28.93 16.24 -14.36
N HIS A 171 -28.10 17.26 -14.53
CA HIS A 171 -26.62 17.17 -14.74
C HIS A 171 -25.92 16.98 -13.39
N ARG A 172 -25.10 15.94 -13.27
CA ARG A 172 -24.28 15.64 -12.07
C ARG A 172 -22.85 16.12 -12.31
N GLN A 173 -22.07 16.31 -11.24
CA GLN A 173 -20.62 16.64 -11.33
C GLN A 173 -19.81 15.73 -10.40
N LEU A 174 -18.84 15.00 -10.96
CA LEU A 174 -17.76 14.30 -10.21
C LEU A 174 -16.47 15.09 -10.37
N LEU A 175 -15.54 14.90 -9.44
CA LEU A 175 -14.13 15.31 -9.58
C LEU A 175 -13.30 14.05 -9.83
N PHE A 176 -12.28 14.16 -10.69
CA PHE A 176 -11.22 13.14 -10.88
C PHE A 176 -9.93 13.74 -10.35
N CYS A 177 -9.48 13.26 -9.19
CA CYS A 177 -8.51 13.95 -8.32
C CYS A 177 -7.17 13.19 -8.27
N ARG A 178 -6.08 13.96 -8.23
CA ARG A 178 -4.75 13.50 -7.77
C ARG A 178 -4.84 13.37 -6.25
N VAL A 179 -4.76 12.14 -5.74
CA VAL A 179 -4.85 11.85 -4.28
C VAL A 179 -3.52 11.22 -3.82
N THR A 180 -2.94 11.77 -2.76
CA THR A 180 -1.74 11.23 -2.05
C THR A 180 -2.24 10.34 -0.91
N LEU A 181 -2.06 9.02 -1.05
CA LEU A 181 -2.54 8.02 -0.05
C LEU A 181 -1.44 7.79 1.00
N GLY A 182 -0.18 7.93 0.61
CA GLY A 182 0.99 7.58 1.44
C GLY A 182 0.90 6.13 1.90
N LYS A 183 1.31 5.86 3.14
CA LYS A 183 1.08 4.56 3.80
C LYS A 183 -0.39 4.50 4.22
N SER A 184 -1.18 3.68 3.53
CA SER A 184 -2.64 3.52 3.73
C SER A 184 -2.89 2.38 4.73
N PHE A 185 -3.70 2.63 5.76
CA PHE A 185 -4.14 1.61 6.75
C PHE A 185 -5.35 0.87 6.19
N LEU A 186 -5.28 -0.46 6.09
CA LEU A 186 -6.41 -1.33 5.64
C LEU A 186 -7.39 -1.54 6.80
N GLN A 187 -8.69 -1.34 6.55
CA GLN A 187 -9.82 -1.58 7.49
C GLN A 187 -10.96 -2.30 6.74
N PHE A 188 -11.68 -3.19 7.43
CA PHE A 188 -12.88 -3.89 6.87
C PHE A 188 -14.11 -3.31 7.55
N MET A 193 -12.90 7.38 14.48
CA MET A 193 -11.53 7.61 13.92
C MET A 193 -11.45 9.01 13.29
N ALA A 194 -10.69 9.92 13.92
CA ALA A 194 -10.62 11.36 13.58
C ALA A 194 -9.55 11.62 12.52
N HIS A 195 -8.39 10.99 12.68
CA HIS A 195 -7.19 11.16 11.82
C HIS A 195 -6.74 9.78 11.33
N SER A 196 -5.71 9.74 10.48
CA SER A 196 -5.02 8.49 10.08
C SER A 196 -4.47 7.82 11.33
N PRO A 197 -4.43 6.47 11.40
CA PRO A 197 -3.72 5.78 12.48
C PRO A 197 -2.25 6.20 12.47
N PRO A 198 -1.52 6.09 13.61
CA PRO A 198 -0.11 6.48 13.65
C PRO A 198 0.71 5.77 12.56
N GLY A 199 1.65 6.49 11.96
CA GLY A 199 2.53 6.01 10.87
C GLY A 199 1.84 5.95 9.51
N HIS A 200 0.55 6.31 9.44
CA HIS A 200 -0.29 6.16 8.21
C HIS A 200 -0.80 7.53 7.75
N HIS A 201 -1.10 7.65 6.45
CA HIS A 201 -1.48 8.94 5.79
C HIS A 201 -2.89 8.86 5.20
N SER A 202 -3.50 7.68 5.16
CA SER A 202 -4.84 7.43 4.56
C SER A 202 -5.42 6.13 5.11
N VAL A 203 -6.65 5.80 4.72
CA VAL A 203 -7.34 4.51 5.02
C VAL A 203 -7.88 3.95 3.70
N THR A 204 -7.68 2.65 3.45
CA THR A 204 -8.29 1.88 2.34
C THR A 204 -9.35 0.93 2.93
N GLY A 205 -10.62 1.06 2.53
CA GLY A 205 -11.72 0.15 2.91
C GLY A 205 -12.02 -0.84 1.81
N ARG A 206 -12.63 -2.00 2.13
CA ARG A 206 -13.20 -2.97 1.15
C ARG A 206 -14.44 -3.64 1.74
N PRO A 207 -15.53 -2.88 2.02
CA PRO A 207 -16.73 -3.46 2.61
C PRO A 207 -17.45 -4.43 1.65
N LEU A 212 -20.11 -8.11 -3.67
CA LEU A 212 -19.29 -7.23 -4.57
C LEU A 212 -18.61 -6.14 -3.72
N ALA A 213 -17.44 -6.47 -3.15
CA ALA A 213 -16.56 -5.56 -2.38
C ALA A 213 -15.80 -4.66 -3.36
N LEU A 214 -15.91 -3.34 -3.16
CA LEU A 214 -15.21 -2.30 -3.98
C LEU A 214 -14.40 -1.40 -3.04
N ALA A 215 -13.24 -0.95 -3.50
CA ALA A 215 -12.24 -0.20 -2.71
C ALA A 215 -12.69 1.27 -2.60
N GLU A 216 -12.83 1.78 -1.37
CA GLU A 216 -12.96 3.22 -1.04
C GLU A 216 -11.64 3.70 -0.42
N TYR A 217 -11.36 5.00 -0.50
CA TYR A 217 -10.13 5.62 0.07
C TYR A 217 -10.54 6.86 0.86
N VAL A 218 -9.93 7.06 2.03
CA VAL A 218 -10.25 8.19 2.94
C VAL A 218 -8.96 8.92 3.30
N ILE A 219 -8.99 10.25 3.30
CA ILE A 219 -7.92 11.13 3.83
C ILE A 219 -8.54 12.03 4.90
N TYR A 220 -7.71 12.57 5.79
CA TYR A 220 -8.11 13.39 6.97
C TYR A 220 -7.42 14.76 6.87
N ARG A 221 -6.88 15.06 5.69
CA ARG A 221 -6.27 16.36 5.35
C ARG A 221 -6.63 16.69 3.89
N GLY A 222 -7.29 17.82 3.67
CA GLY A 222 -7.71 18.30 2.34
C GLY A 222 -6.54 18.49 1.39
N GLU A 223 -5.34 18.76 1.90
CA GLU A 223 -4.12 19.04 1.09
C GLU A 223 -3.59 17.73 0.46
N GLN A 224 -4.09 16.57 0.88
CA GLN A 224 -3.64 15.26 0.33
C GLN A 224 -4.41 14.90 -0.94
N ALA A 225 -5.27 15.80 -1.44
CA ALA A 225 -6.01 15.63 -2.72
C ALA A 225 -6.01 16.94 -3.50
N TYR A 226 -5.85 16.85 -4.82
CA TYR A 226 -6.04 17.97 -5.77
C TYR A 226 -7.16 17.61 -6.74
N PRO A 227 -8.21 18.45 -6.87
CA PRO A 227 -9.30 18.22 -7.82
C PRO A 227 -8.89 18.60 -9.25
N GLU A 228 -8.29 17.67 -10.00
CA GLU A 228 -7.57 17.98 -11.26
C GLU A 228 -8.57 18.20 -12.40
N TYR A 229 -9.63 17.39 -12.46
CA TYR A 229 -10.67 17.44 -13.52
C TYR A 229 -12.06 17.55 -12.88
N LEU A 230 -12.87 18.45 -13.44
CA LEU A 230 -14.31 18.57 -13.16
C LEU A 230 -15.06 17.92 -14.31
N ILE A 231 -15.88 16.91 -14.00
CA ILE A 231 -16.63 16.11 -15.01
C ILE A 231 -18.12 16.41 -14.82
N THR A 232 -18.74 17.05 -15.82
CA THR A 232 -20.20 17.31 -15.89
C THR A 232 -20.83 16.25 -16.78
N TYR A 233 -21.83 15.52 -16.27
CA TYR A 233 -22.39 14.31 -16.92
C TYR A 233 -23.84 14.08 -16.46
N GLN A 234 -24.51 13.19 -17.18
CA GLN A 234 -25.79 12.53 -16.77
C GLN A 234 -25.53 11.03 -16.70
N ILE A 235 -26.33 10.30 -15.93
CA ILE A 235 -26.44 8.82 -16.05
C ILE A 235 -27.33 8.55 -17.27
N MET A 236 -27.00 7.54 -18.07
CA MET A 236 -27.75 7.16 -19.30
C MET A 236 -28.78 6.10 -18.95
N ARG A 237 -30.04 6.39 -19.29
CA ARG A 237 -31.16 5.42 -19.33
C ARG A 237 -30.73 4.27 -20.23
N PRO A 238 -30.76 3.01 -19.75
CA PRO A 238 -30.52 1.85 -20.60
C PRO A 238 -31.80 1.49 -21.39
N GLU A 239 -31.65 0.89 -22.57
CA GLU A 239 -32.73 0.58 -23.56
C GLU A 239 -32.51 1.46 -24.80
N SER B 29 29.62 -21.02 -7.00
CA SER B 29 28.30 -20.32 -6.97
C SER B 29 28.45 -18.85 -7.39
N GLY B 30 29.64 -18.26 -7.17
CA GLY B 30 29.96 -16.87 -7.54
C GLY B 30 29.76 -15.90 -6.37
N THR B 31 29.31 -16.40 -5.22
CA THR B 31 28.99 -15.59 -4.02
C THR B 31 30.27 -15.33 -3.22
N ILE B 32 30.53 -14.06 -2.89
CA ILE B 32 31.63 -13.59 -2.01
C ILE B 32 30.99 -12.91 -0.79
N LEU B 33 31.47 -13.22 0.41
CA LEU B 33 31.03 -12.63 1.69
C LEU B 33 32.12 -11.67 2.18
N ILE B 34 31.81 -10.38 2.29
CA ILE B 34 32.74 -9.35 2.83
C ILE B 34 32.38 -9.11 4.29
N ASP B 35 33.14 -9.72 5.21
CA ASP B 35 33.07 -9.45 6.67
C ASP B 35 33.24 -7.94 6.85
N LEU B 36 32.30 -7.29 7.55
CA LEU B 36 32.32 -5.84 7.82
C LEU B 36 32.85 -5.59 9.23
N SER B 37 33.68 -4.56 9.39
CA SER B 37 34.24 -4.12 10.70
C SER B 37 33.12 -3.49 11.52
N PRO B 38 32.99 -3.79 12.84
CA PRO B 38 32.01 -3.13 13.69
C PRO B 38 32.09 -1.60 13.75
N ASP B 39 33.23 -1.03 13.34
CA ASP B 39 33.50 0.44 13.32
C ASP B 39 33.02 1.04 12.00
N ASP B 40 32.76 0.19 10.99
CA ASP B 40 32.19 0.57 9.67
C ASP B 40 30.78 1.13 9.88
N LYS B 41 30.47 2.28 9.28
CA LYS B 41 29.13 2.94 9.35
C LYS B 41 28.06 2.02 8.73
N GLU B 42 28.45 1.19 7.76
CA GLU B 42 27.55 0.23 7.05
C GLU B 42 27.09 -0.85 8.04
N PHE B 43 28.03 -1.40 8.81
CA PHE B 43 27.79 -2.37 9.91
C PHE B 43 26.82 -1.75 10.94
N GLN B 44 27.15 -0.54 11.41
CA GLN B 44 26.40 0.17 12.48
C GLN B 44 24.94 0.41 12.07
N SER B 45 24.71 0.75 10.80
CA SER B 45 23.37 0.99 10.22
C SER B 45 22.54 -0.29 10.29
N VAL B 46 23.10 -1.41 9.81
CA VAL B 46 22.45 -2.76 9.84
C VAL B 46 22.28 -3.21 11.31
N GLU B 47 23.32 -2.99 12.13
CA GLU B 47 23.30 -3.27 13.59
C GLU B 47 22.14 -2.53 14.24
N GLU B 48 22.05 -1.22 14.04
CA GLU B 48 21.03 -0.35 14.68
C GLU B 48 19.63 -0.78 14.22
N GLU B 49 19.46 -1.06 12.92
CA GLU B 49 18.16 -1.43 12.30
C GLU B 49 17.68 -2.77 12.88
N MET B 50 18.60 -3.69 13.15
CA MET B 50 18.31 -5.01 13.77
C MET B 50 17.82 -4.81 15.20
N GLN B 51 18.58 -4.07 16.01
CA GLN B 51 18.29 -3.85 17.46
C GLN B 51 16.97 -3.05 17.60
N SER B 52 16.85 -1.93 16.88
CA SER B 52 15.79 -0.91 17.04
C SER B 52 14.41 -1.46 16.62
N THR B 53 14.35 -2.43 15.71
CA THR B 53 13.07 -2.94 15.15
C THR B 53 12.57 -4.15 15.95
N VAL B 54 13.17 -4.44 17.11
CA VAL B 54 12.70 -5.52 18.03
C VAL B 54 11.39 -5.07 18.69
N ARG B 55 10.40 -5.96 18.74
CA ARG B 55 9.10 -5.74 19.41
C ARG B 55 8.82 -6.89 20.39
N GLU B 56 8.01 -6.61 21.41
CA GLU B 56 7.42 -7.63 22.31
C GLU B 56 6.31 -8.34 21.54
N HIS B 57 6.43 -9.66 21.32
CA HIS B 57 5.50 -10.48 20.50
C HIS B 57 4.35 -11.01 21.37
N ARG B 58 3.17 -11.20 20.76
CA ARG B 58 1.92 -11.62 21.45
C ARG B 58 2.03 -13.09 21.90
N ASP B 59 2.87 -13.88 21.22
CA ASP B 59 3.06 -15.33 21.48
C ASP B 59 3.98 -15.56 22.70
N GLY B 60 4.44 -14.47 23.33
CA GLY B 60 5.27 -14.51 24.55
C GLY B 60 6.64 -15.14 24.31
N GLY B 61 7.16 -15.04 23.08
CA GLY B 61 8.48 -15.59 22.70
C GLY B 61 8.44 -17.09 22.47
N HIS B 62 7.27 -17.68 22.29
CA HIS B 62 7.08 -19.12 22.03
C HIS B 62 7.85 -19.51 20.76
N ALA B 63 7.70 -18.74 19.68
CA ALA B 63 8.28 -19.03 18.34
C ALA B 63 9.76 -18.66 18.30
N GLY B 64 10.11 -17.42 18.67
CA GLY B 64 11.46 -16.85 18.45
C GLY B 64 12.31 -16.77 19.72
N GLY B 65 11.73 -17.01 20.88
CA GLY B 65 12.42 -16.91 22.19
C GLY B 65 12.12 -15.60 22.90
N ILE B 66 12.61 -15.45 24.14
CA ILE B 66 12.42 -14.26 25.02
C ILE B 66 13.72 -13.44 25.01
N PHE B 67 13.63 -12.17 24.63
CA PHE B 67 14.77 -11.24 24.46
C PHE B 67 14.21 -9.85 24.13
N ASN B 68 14.98 -8.80 24.38
CA ASN B 68 14.68 -7.43 23.92
C ASN B 68 15.88 -6.85 23.15
N ARG B 69 17.01 -7.56 23.12
CA ARG B 69 18.23 -7.21 22.34
C ARG B 69 18.79 -8.48 21.70
N TYR B 70 19.76 -8.30 20.79
CA TYR B 70 20.59 -9.39 20.20
C TYR B 70 22.06 -9.18 20.60
N ASN B 71 22.83 -10.27 20.51
CA ASN B 71 24.32 -10.26 20.46
C ASN B 71 24.69 -10.38 18.97
N ILE B 72 25.12 -9.27 18.36
CA ILE B 72 25.48 -9.18 16.92
C ILE B 72 26.94 -9.63 16.78
N LEU B 73 27.15 -10.84 16.26
CA LEU B 73 28.48 -11.49 16.16
C LEU B 73 29.16 -11.09 14.86
N LYS B 74 28.43 -11.05 13.75
CA LYS B 74 29.03 -10.87 12.41
C LYS B 74 27.97 -10.34 11.45
N ILE B 75 28.35 -9.37 10.61
CA ILE B 75 27.55 -8.87 9.46
C ILE B 75 28.43 -8.92 8.22
N GLN B 76 28.00 -9.65 7.20
CA GLN B 76 28.74 -9.88 5.94
C GLN B 76 27.88 -9.39 4.76
N LYS B 77 28.44 -8.50 3.95
CA LYS B 77 27.87 -8.08 2.63
C LYS B 77 27.93 -9.27 1.68
N VAL B 78 26.81 -9.60 1.04
CA VAL B 78 26.69 -10.72 0.07
C VAL B 78 26.90 -10.14 -1.32
N CYS B 79 27.99 -10.52 -1.99
CA CYS B 79 28.33 -10.08 -3.37
C CYS B 79 28.21 -11.27 -4.33
N ASN B 80 27.33 -11.16 -5.33
CA ASN B 80 27.15 -12.16 -6.42
C ASN B 80 26.59 -11.42 -7.65
N LYS B 81 27.41 -11.25 -8.69
CA LYS B 81 27.07 -10.47 -9.91
C LYS B 81 25.79 -11.06 -10.53
N LYS B 82 25.76 -12.39 -10.73
CA LYS B 82 24.62 -13.12 -11.37
C LYS B 82 23.33 -12.78 -10.62
N LEU B 83 23.33 -12.89 -9.29
CA LEU B 83 22.13 -12.66 -8.45
C LEU B 83 21.71 -11.19 -8.50
N TRP B 84 22.69 -10.27 -8.51
CA TRP B 84 22.43 -8.81 -8.59
C TRP B 84 21.74 -8.49 -9.92
N GLU B 85 22.23 -9.06 -11.02
CA GLU B 85 21.68 -8.88 -12.40
C GLU B 85 20.23 -9.38 -12.43
N ARG B 86 19.98 -10.56 -11.87
CA ARG B 86 18.61 -11.15 -11.75
C ARG B 86 17.69 -10.14 -11.07
N TYR B 87 18.12 -9.58 -9.94
CA TYR B 87 17.34 -8.59 -9.15
C TYR B 87 17.08 -7.31 -9.98
N THR B 88 18.14 -6.63 -10.43
CA THR B 88 18.05 -5.31 -11.10
C THR B 88 17.19 -5.43 -12.36
N HIS B 89 17.30 -6.55 -13.07
CA HIS B 89 16.51 -6.85 -14.30
C HIS B 89 15.03 -6.88 -13.97
N ARG B 90 14.65 -7.62 -12.92
CA ARG B 90 13.26 -7.71 -12.43
C ARG B 90 12.83 -6.34 -11.90
N ARG B 91 13.71 -5.65 -11.17
CA ARG B 91 13.40 -4.34 -10.54
C ARG B 91 12.98 -3.35 -11.62
N LYS B 92 13.68 -3.32 -12.75
CA LYS B 92 13.39 -2.43 -13.91
C LYS B 92 11.98 -2.73 -14.43
N GLU B 93 11.66 -4.01 -14.66
CA GLU B 93 10.40 -4.40 -15.34
C GLU B 93 9.23 -4.27 -14.36
N VAL B 94 9.46 -4.37 -13.05
CA VAL B 94 8.42 -4.06 -12.02
C VAL B 94 8.21 -2.54 -12.01
N SER B 95 9.28 -1.77 -12.16
CA SER B 95 9.27 -0.29 -12.11
C SER B 95 8.39 0.26 -13.25
N GLU B 96 8.54 -0.27 -14.48
CA GLU B 96 7.81 0.17 -15.69
C GLU B 96 6.33 -0.23 -15.58
N GLU B 97 6.03 -1.28 -14.81
CA GLU B 97 4.65 -1.76 -14.54
C GLU B 97 3.99 -0.94 -13.43
N ASN B 98 4.75 -0.11 -12.70
CA ASN B 98 4.27 0.58 -11.48
C ASN B 98 4.69 2.06 -11.51
N HIS B 99 4.47 2.73 -12.65
CA HIS B 99 4.63 4.19 -12.83
C HIS B 99 6.07 4.61 -12.49
N ASN B 100 7.04 3.82 -12.95
CA ASN B 100 8.50 4.06 -12.83
C ASN B 100 8.90 4.19 -11.36
N HIS B 101 8.25 3.43 -10.49
CA HIS B 101 8.60 3.29 -9.05
C HIS B 101 8.68 1.80 -8.69
N ALA B 102 9.85 1.33 -8.22
CA ALA B 102 10.14 -0.07 -7.86
C ALA B 102 9.47 -0.43 -6.52
N ASN B 103 9.25 0.57 -5.65
CA ASN B 103 8.78 0.39 -4.24
C ASN B 103 9.78 -0.55 -3.56
N GLU B 104 11.06 -0.17 -3.59
CA GLU B 104 12.18 -0.97 -3.03
C GLU B 104 12.26 -0.69 -1.53
N ARG B 105 12.35 -1.76 -0.73
CA ARG B 105 12.48 -1.68 0.74
C ARG B 105 13.67 -2.54 1.18
N MET B 106 14.33 -2.15 2.27
CA MET B 106 15.24 -3.03 3.05
C MET B 106 14.39 -3.77 4.10
N LEU B 107 14.25 -5.08 3.97
CA LEU B 107 13.48 -5.93 4.91
C LEU B 107 14.31 -7.13 5.38
N PHE B 108 13.99 -7.61 6.58
CA PHE B 108 14.61 -8.83 7.16
C PHE B 108 13.92 -10.07 6.59
N HIS B 109 14.68 -11.15 6.48
CA HIS B 109 14.17 -12.49 6.09
C HIS B 109 14.74 -13.55 7.05
N GLY B 110 13.85 -14.33 7.66
CA GLY B 110 14.19 -15.55 8.40
C GLY B 110 13.61 -16.77 7.73
N SER B 111 14.39 -17.85 7.68
CA SER B 111 14.03 -19.18 7.12
C SER B 111 15.18 -20.16 7.37
N PRO B 112 14.93 -21.48 7.46
CA PRO B 112 16.02 -22.45 7.57
C PRO B 112 16.93 -22.57 6.34
N PHE B 113 16.77 -21.71 5.33
CA PHE B 113 17.39 -21.84 3.99
C PHE B 113 18.40 -20.74 3.70
N VAL B 114 18.71 -19.89 4.69
CA VAL B 114 19.65 -18.74 4.52
C VAL B 114 20.90 -19.20 3.77
N ASN B 115 21.49 -20.34 4.15
CA ASN B 115 22.76 -20.84 3.56
C ASN B 115 22.58 -21.09 2.07
N ALA B 116 21.41 -21.57 1.65
CA ALA B 116 21.09 -21.83 0.23
C ALA B 116 20.91 -20.50 -0.52
N ILE B 117 20.14 -19.57 0.06
CA ILE B 117 19.70 -18.29 -0.57
C ILE B 117 20.93 -17.46 -0.97
N ILE B 118 21.98 -17.45 -0.16
CA ILE B 118 23.18 -16.61 -0.40
C ILE B 118 24.01 -17.16 -1.56
N HIS B 119 23.80 -18.42 -1.95
CA HIS B 119 24.51 -19.08 -3.08
C HIS B 119 23.61 -19.14 -4.31
N LYS B 120 22.33 -19.48 -4.14
CA LYS B 120 21.38 -19.83 -5.24
C LYS B 120 20.39 -18.69 -5.51
N GLY B 121 20.30 -17.70 -4.63
CA GLY B 121 19.23 -16.69 -4.62
C GLY B 121 17.93 -17.28 -4.09
N PHE B 122 16.95 -16.43 -3.79
CA PHE B 122 15.59 -16.84 -3.35
C PHE B 122 14.94 -17.68 -4.45
N ASP B 123 14.13 -18.67 -4.05
CA ASP B 123 13.44 -19.60 -4.98
C ASP B 123 12.04 -19.89 -4.44
N GLU B 124 11.02 -19.35 -5.11
CA GLU B 124 9.58 -19.45 -4.72
C GLU B 124 9.13 -20.91 -4.79
N ARG B 125 9.80 -21.75 -5.57
CA ARG B 125 9.48 -23.21 -5.72
C ARG B 125 9.59 -23.96 -4.39
N HIS B 126 10.25 -23.38 -3.38
CA HIS B 126 10.45 -23.95 -2.02
C HIS B 126 9.53 -23.25 -1.00
N ALA B 127 8.61 -22.40 -1.45
CA ALA B 127 7.65 -21.68 -0.59
C ALA B 127 6.70 -22.69 0.08
N TYR B 128 6.26 -22.38 1.31
CA TYR B 128 5.31 -23.23 2.08
C TYR B 128 3.92 -23.04 1.49
N ILE B 129 3.43 -24.08 0.79
CA ILE B 129 2.19 -24.07 -0.04
C ILE B 129 1.02 -23.55 0.80
N GLY B 130 0.94 -23.95 2.08
CA GLY B 130 -0.06 -23.45 3.04
C GLY B 130 0.55 -22.39 3.95
N GLY B 131 0.09 -21.14 3.83
CA GLY B 131 0.53 -20.00 4.65
C GLY B 131 -0.53 -18.91 4.63
N MET B 132 -0.39 -17.90 5.49
CA MET B 132 -1.39 -16.80 5.64
C MET B 132 -1.70 -16.18 4.28
N PHE B 133 -0.67 -16.01 3.43
CA PHE B 133 -0.74 -15.32 2.11
C PHE B 133 -0.22 -16.23 1.00
N GLY B 134 -0.35 -17.56 1.17
CA GLY B 134 -0.07 -18.55 0.12
C GLY B 134 1.42 -18.78 -0.09
N ALA B 135 1.77 -19.51 -1.16
CA ALA B 135 3.14 -19.95 -1.49
C ALA B 135 3.96 -18.75 -1.98
N GLY B 136 4.44 -17.93 -1.05
CA GLY B 136 5.32 -16.78 -1.31
C GLY B 136 6.50 -16.77 -0.35
N ILE B 137 7.45 -15.85 -0.57
CA ILE B 137 8.64 -15.65 0.30
C ILE B 137 8.38 -14.45 1.20
N TYR B 138 8.43 -14.66 2.52
CA TYR B 138 7.98 -13.68 3.54
C TYR B 138 9.16 -12.89 4.08
N PHE B 139 8.97 -11.59 4.21
CA PHE B 139 9.90 -10.62 4.83
C PHE B 139 9.15 -9.86 5.92
N ALA B 140 9.89 -9.22 6.82
CA ALA B 140 9.36 -8.36 7.89
C ALA B 140 10.20 -7.09 7.96
N GLU B 141 9.60 -6.01 8.46
CA GLU B 141 10.31 -4.75 8.81
C GLU B 141 10.81 -4.84 10.26
N ASN B 142 10.33 -5.83 11.02
CA ASN B 142 10.76 -6.11 12.41
C ASN B 142 11.66 -7.35 12.42
N SER B 143 12.95 -7.18 12.73
CA SER B 143 13.96 -8.25 12.91
C SER B 143 13.39 -9.37 13.78
N SER B 144 12.73 -9.03 14.89
CA SER B 144 12.21 -10.00 15.88
C SER B 144 11.12 -10.88 15.27
N LYS B 145 10.42 -10.38 14.23
CA LYS B 145 9.38 -11.16 13.50
C LYS B 145 10.07 -12.23 12.65
N SER B 146 11.03 -11.85 11.80
CA SER B 146 11.83 -12.76 10.95
C SER B 146 12.51 -13.83 11.83
N ASN B 147 12.95 -13.45 13.04
CA ASN B 147 13.57 -14.36 14.03
C ASN B 147 12.68 -15.58 14.29
N GLN B 148 11.36 -15.42 14.21
CA GLN B 148 10.39 -16.51 14.55
C GLN B 148 10.47 -17.64 13.53
N TYR B 149 11.04 -17.40 12.34
CA TYR B 149 11.01 -18.34 11.20
C TYR B 149 12.38 -18.99 10.97
N VAL B 150 13.41 -18.56 11.69
CA VAL B 150 14.82 -19.02 11.51
C VAL B 150 14.88 -20.55 11.58
N TYR B 151 14.18 -21.16 12.55
CA TYR B 151 14.23 -22.62 12.82
C TYR B 151 12.96 -23.30 12.31
N GLY B 152 12.24 -22.64 11.39
CA GLY B 152 11.00 -23.16 10.75
C GLY B 152 9.80 -22.28 11.04
N ILE B 153 8.62 -22.68 10.55
CA ILE B 153 7.31 -21.99 10.81
C ILE B 153 7.03 -22.09 12.32
N GLY B 154 6.74 -20.96 12.97
CA GLY B 154 6.57 -20.87 14.43
C GLY B 154 7.77 -21.46 15.16
N GLY B 155 8.98 -21.16 14.68
CA GLY B 155 10.27 -21.58 15.29
C GLY B 155 10.53 -23.06 15.12
N GLY B 156 9.69 -23.76 14.36
CA GLY B 156 9.70 -25.23 14.20
C GLY B 156 10.07 -25.94 15.50
N THR B 157 11.18 -26.68 15.48
CA THR B 157 11.63 -27.60 16.55
C THR B 157 12.63 -26.87 17.47
N GLY B 158 12.90 -25.59 17.21
CA GLY B 158 13.97 -24.82 17.88
C GLY B 158 15.33 -25.13 17.27
N CYS B 159 16.41 -24.79 17.98
CA CYS B 159 17.81 -25.04 17.55
C CYS B 159 18.02 -26.54 17.41
N PRO B 160 18.84 -27.00 16.45
CA PRO B 160 19.04 -28.43 16.23
C PRO B 160 19.74 -29.14 17.41
N VAL B 161 20.61 -28.43 18.13
CA VAL B 161 21.42 -29.00 19.26
C VAL B 161 20.52 -29.24 20.48
N HIS B 162 19.79 -28.22 20.95
CA HIS B 162 19.07 -28.22 22.26
C HIS B 162 17.55 -28.39 22.08
N LYS B 163 17.02 -28.30 20.84
CA LYS B 163 15.57 -28.32 20.55
C LYS B 163 14.87 -27.21 21.35
N ASP B 164 15.47 -26.01 21.38
CA ASP B 164 15.02 -24.84 22.20
C ASP B 164 14.80 -23.64 21.27
N ARG B 165 13.55 -23.22 21.12
CA ARG B 165 13.15 -22.05 20.29
C ARG B 165 13.69 -20.76 20.93
N SER B 166 14.08 -20.82 22.21
CA SER B 166 14.59 -19.67 23.01
C SER B 166 16.07 -19.84 23.35
N CYS B 167 16.78 -20.71 22.63
CA CYS B 167 18.22 -20.97 22.82
C CYS B 167 19.00 -19.65 22.77
N TYR B 168 19.84 -19.40 23.77
CA TYR B 168 20.74 -18.22 23.88
C TYR B 168 22.16 -18.61 23.48
N ILE B 169 22.37 -19.92 23.25
CA ILE B 169 23.71 -20.53 22.98
C ILE B 169 23.91 -20.56 21.46
N CYS B 170 23.01 -21.19 20.73
CA CYS B 170 23.15 -21.45 19.27
C CYS B 170 23.08 -20.12 18.50
N HIS B 171 23.92 -20.00 17.48
CA HIS B 171 24.04 -18.83 16.58
C HIS B 171 22.96 -18.91 15.50
N ARG B 172 22.16 -17.85 15.36
CA ARG B 172 21.09 -17.73 14.33
C ARG B 172 21.62 -16.86 13.18
N GLN B 173 20.98 -16.96 12.00
CA GLN B 173 21.31 -16.10 10.83
C GLN B 173 20.02 -15.52 10.25
N LEU B 174 19.92 -14.19 10.17
CA LEU B 174 18.92 -13.45 9.35
C LEU B 174 19.62 -12.92 8.10
N LEU B 175 18.83 -12.67 7.07
CA LEU B 175 19.24 -11.83 5.92
C LEU B 175 18.55 -10.47 6.05
N PHE B 176 19.25 -9.41 5.66
CA PHE B 176 18.69 -8.05 5.48
C PHE B 176 18.77 -7.77 3.98
N CYS B 177 17.60 -7.77 3.32
CA CYS B 177 17.45 -7.91 1.87
C CYS B 177 16.93 -6.62 1.23
N ARG B 178 17.46 -6.30 0.04
CA ARG B 178 16.82 -5.37 -0.93
C ARG B 178 15.64 -6.12 -1.53
N VAL B 179 14.41 -5.66 -1.24
CA VAL B 179 13.15 -6.28 -1.75
C VAL B 179 12.43 -5.26 -2.63
N THR B 180 12.03 -5.67 -3.83
CA THR B 180 11.18 -4.91 -4.78
C THR B 180 9.73 -5.34 -4.54
N LEU B 181 8.91 -4.48 -3.94
CA LEU B 181 7.49 -4.75 -3.61
C LEU B 181 6.60 -4.36 -4.79
N GLY B 182 7.01 -3.39 -5.61
CA GLY B 182 6.21 -2.80 -6.69
C GLY B 182 4.88 -2.29 -6.16
N LYS B 183 3.80 -2.48 -6.91
CA LYS B 183 2.41 -2.24 -6.45
C LYS B 183 2.03 -3.40 -5.52
N SER B 184 1.98 -3.14 -4.22
CA SER B 184 1.71 -4.15 -3.16
C SER B 184 0.20 -4.17 -2.88
N PHE B 185 -0.41 -5.34 -2.91
CA PHE B 185 -1.84 -5.56 -2.56
C PHE B 185 -1.94 -5.67 -1.04
N LEU B 186 -2.74 -4.81 -0.40
CA LEU B 186 -3.01 -4.88 1.07
C LEU B 186 -4.09 -5.93 1.31
N GLN B 187 -3.85 -6.87 2.24
CA GLN B 187 -4.77 -7.97 2.61
C GLN B 187 -4.73 -8.22 4.11
N PHE B 188 -5.81 -8.79 4.66
CA PHE B 188 -5.91 -9.31 6.05
C PHE B 188 -5.57 -10.80 6.09
N SER B 189 -5.55 -11.37 7.30
CA SER B 189 -5.27 -12.81 7.58
C SER B 189 -6.43 -13.42 8.39
N MET B 193 -3.62 -18.79 -2.81
CA MET B 193 -3.04 -17.68 -3.61
C MET B 193 -1.61 -18.04 -4.05
N ALA B 194 -1.40 -18.29 -5.33
CA ALA B 194 -0.14 -18.79 -5.93
C ALA B 194 0.78 -17.62 -6.31
N HIS B 195 0.21 -16.57 -6.90
CA HIS B 195 0.94 -15.38 -7.44
C HIS B 195 0.36 -14.10 -6.84
N SER B 196 0.97 -12.97 -7.16
CA SER B 196 0.45 -11.61 -6.86
C SER B 196 -0.94 -11.48 -7.46
N PRO B 197 -1.87 -10.72 -6.84
CA PRO B 197 -3.13 -10.37 -7.49
C PRO B 197 -2.85 -9.62 -8.79
N PRO B 198 -3.76 -9.64 -9.79
CA PRO B 198 -3.52 -8.95 -11.05
C PRO B 198 -3.19 -7.47 -10.83
N GLY B 199 -2.24 -6.93 -11.61
CA GLY B 199 -1.78 -5.53 -11.54
C GLY B 199 -0.82 -5.27 -10.38
N HIS B 200 -0.53 -6.28 -9.56
CA HIS B 200 0.27 -6.16 -8.31
C HIS B 200 1.54 -7.03 -8.40
N HIS B 201 2.55 -6.69 -7.62
CA HIS B 201 3.90 -7.32 -7.65
C HIS B 201 4.25 -7.96 -6.29
N SER B 202 3.43 -7.74 -5.26
CA SER B 202 3.65 -8.24 -3.88
C SER B 202 2.35 -8.17 -3.08
N VAL B 203 2.41 -8.63 -1.83
CA VAL B 203 1.31 -8.53 -0.84
C VAL B 203 1.89 -7.95 0.46
N THR B 204 1.22 -6.97 1.06
CA THR B 204 1.49 -6.45 2.42
C THR B 204 0.36 -6.90 3.35
N GLY B 205 0.68 -7.70 4.37
CA GLY B 205 -0.27 -8.14 5.41
C GLY B 205 -0.22 -7.20 6.61
N ARG B 206 -1.34 -7.02 7.31
CA ARG B 206 -1.53 -5.88 8.24
C ARG B 206 -2.05 -6.38 9.58
N PRO B 207 -1.92 -5.57 10.66
CA PRO B 207 -2.47 -5.95 11.97
C PRO B 207 -4.01 -5.98 11.94
N SER B 208 -4.61 -7.00 12.56
CA SER B 208 -6.07 -7.12 12.76
C SER B 208 -6.37 -8.07 13.94
N VAL B 209 -7.64 -8.16 14.33
CA VAL B 209 -8.15 -9.15 15.33
C VAL B 209 -8.46 -10.45 14.58
N ASN B 210 -7.88 -11.56 15.03
CA ASN B 210 -7.97 -12.92 14.41
C ASN B 210 -6.98 -13.03 13.23
N GLY B 211 -5.99 -12.14 13.15
CA GLY B 211 -5.03 -12.06 12.03
C GLY B 211 -3.60 -11.81 12.50
N LEU B 212 -2.98 -10.71 12.04
CA LEU B 212 -1.58 -10.33 12.35
C LEU B 212 -1.54 -9.43 13.57
N ALA B 213 -0.34 -9.00 13.98
CA ALA B 213 -0.07 -7.90 14.93
C ALA B 213 0.93 -6.92 14.31
N LEU B 214 1.82 -7.42 13.44
CA LEU B 214 2.88 -6.64 12.73
C LEU B 214 2.77 -6.88 11.22
N ALA B 215 3.45 -6.02 10.44
CA ALA B 215 3.50 -6.02 8.97
C ALA B 215 4.37 -7.18 8.46
N GLU B 216 3.81 -8.02 7.58
CA GLU B 216 4.57 -8.99 6.76
C GLU B 216 4.57 -8.50 5.31
N TYR B 217 5.56 -8.93 4.52
CA TYR B 217 5.63 -8.66 3.06
C TYR B 217 5.91 -9.98 2.34
N VAL B 218 5.22 -10.22 1.23
CA VAL B 218 5.30 -11.51 0.48
C VAL B 218 5.54 -11.18 -0.99
N ILE B 219 6.47 -11.93 -1.60
CA ILE B 219 6.71 -11.93 -3.07
C ILE B 219 6.54 -13.35 -3.56
N TYR B 220 6.27 -13.54 -4.85
CA TYR B 220 5.96 -14.85 -5.49
C TYR B 220 6.99 -15.13 -6.60
N ARG B 221 8.10 -14.39 -6.54
CA ARG B 221 9.21 -14.45 -7.51
C ARG B 221 10.51 -14.12 -6.77
N GLY B 222 11.45 -15.07 -6.76
CA GLY B 222 12.72 -14.98 -6.02
C GLY B 222 13.56 -13.80 -6.46
N GLU B 223 13.44 -13.38 -7.72
CA GLU B 223 14.30 -12.29 -8.29
C GLU B 223 13.80 -10.92 -7.82
N GLN B 224 12.68 -10.84 -7.09
CA GLN B 224 12.18 -9.55 -6.52
C GLN B 224 12.84 -9.25 -5.17
N ALA B 225 13.81 -10.07 -4.73
CA ALA B 225 14.61 -9.84 -3.50
C ALA B 225 16.08 -10.15 -3.76
N TYR B 226 16.98 -9.35 -3.20
CA TYR B 226 18.43 -9.60 -3.13
C TYR B 226 18.86 -9.71 -1.67
N PRO B 227 19.52 -10.80 -1.25
CA PRO B 227 20.03 -10.95 0.12
C PRO B 227 21.33 -10.17 0.33
N GLU B 228 21.23 -8.89 0.71
CA GLU B 228 22.37 -7.93 0.64
C GLU B 228 23.33 -8.17 1.81
N TYR B 229 22.82 -8.45 3.00
CA TYR B 229 23.60 -8.64 4.25
C TYR B 229 23.20 -9.95 4.93
N LEU B 230 24.20 -10.72 5.36
CA LEU B 230 24.05 -11.93 6.18
C LEU B 230 24.43 -11.53 7.62
N ILE B 231 23.51 -11.71 8.56
CA ILE B 231 23.67 -11.29 9.99
C ILE B 231 23.72 -12.54 10.84
N THR B 232 24.87 -12.80 11.48
CA THR B 232 25.08 -13.91 12.45
C THR B 232 24.98 -13.33 13.85
N TYR B 233 24.09 -13.89 14.68
CA TYR B 233 23.70 -13.32 15.98
C TYR B 233 23.18 -14.42 16.91
N GLN B 234 23.06 -14.05 18.18
CA GLN B 234 22.29 -14.78 19.22
C GLN B 234 21.22 -13.82 19.74
N ILE B 235 20.13 -14.37 20.29
CA ILE B 235 19.19 -13.60 21.14
C ILE B 235 19.86 -13.45 22.51
N MET B 236 19.73 -12.26 23.12
CA MET B 236 20.32 -11.96 24.46
C MET B 236 19.28 -12.28 25.53
N ARG B 237 19.66 -13.12 26.49
CA ARG B 237 18.93 -13.29 27.77
C ARG B 237 18.88 -11.92 28.44
N PRO B 238 17.67 -11.41 28.81
CA PRO B 238 17.57 -10.17 29.58
C PRO B 238 17.82 -10.43 31.07
N GLU B 239 18.30 -9.42 31.80
CA GLU B 239 18.56 -9.43 33.28
C GLU B 239 20.08 -9.48 33.54
#